data_2A5J
#
_entry.id   2A5J
#
_cell.length_a   44.104
_cell.length_b   54.732
_cell.length_c   70.765
_cell.angle_alpha   90.00
_cell.angle_beta   90.00
_cell.angle_gamma   90.00
#
_symmetry.space_group_name_H-M   'P 21 21 21'
#
loop_
_entity.id
_entity.type
_entity.pdbx_description
1 polymer 'Ras-related protein Rab-2B'
2 non-polymer 'MAGNESIUM ION'
3 non-polymer "GUANOSINE-5'-DIPHOSPHATE"
4 water water
#
_entity_poly.entity_id   1
_entity_poly.type   'polypeptide(L)'
_entity_poly.pdbx_seq_one_letter_code
;MGSSHHHHHHSSGLVPRGSYLFKYIIIGDTGVGKSCLLLQFTDKRFQPVHDLTIGVEFGARMVNIDGKQIKLQIWDTAGQ
ESFRSITRSYYRGAAGALLVYDITRRETFNHLTSWLEDARQHSSSNMVIMLIGNKSDLESRRDVKREEGEAFAREHGLIF
METSAKTACNVEEAFINTAKEIYRKIQQGLF
;
_entity_poly.pdbx_strand_id   A
#
# COMPACT_ATOMS: atom_id res chain seq x y z
N HIS A 10 2.02 -7.11 16.34
CA HIS A 10 2.91 -5.93 16.61
C HIS A 10 2.15 -4.77 17.23
N SER A 11 2.84 -4.05 18.11
CA SER A 11 2.34 -2.78 18.60
C SER A 11 3.44 -1.74 18.60
N SER A 12 3.21 -0.62 17.92
CA SER A 12 4.19 0.47 17.89
C SER A 12 4.18 1.22 19.21
N GLY A 13 5.36 1.72 19.61
CA GLY A 13 5.53 2.45 20.85
C GLY A 13 5.04 3.89 20.80
N LEU A 14 5.39 4.66 21.82
CA LEU A 14 5.06 6.07 21.84
C LEU A 14 5.76 6.79 20.72
N VAL A 15 5.05 7.70 20.08
CA VAL A 15 5.61 8.46 18.98
C VAL A 15 6.27 9.70 19.59
N PRO A 16 7.58 9.91 19.30
CA PRO A 16 8.28 11.10 19.83
C PRO A 16 7.53 12.39 19.48
N ARG A 17 7.48 13.33 20.43
CA ARG A 17 6.83 14.61 20.21
C ARG A 17 7.43 15.31 18.97
N GLY A 18 6.55 15.87 18.14
CA GLY A 18 6.95 16.53 16.90
C GLY A 18 7.12 15.61 15.70
N SER A 19 7.15 14.31 15.93
CA SER A 19 7.26 13.36 14.83
C SER A 19 5.95 12.63 14.59
N TYR A 20 5.90 11.86 13.51
CA TYR A 20 4.72 11.06 13.18
C TYR A 20 5.10 9.62 12.88
N LEU A 21 4.12 8.73 13.06
CA LEU A 21 4.26 7.32 12.64
C LEU A 21 3.03 6.99 11.80
N PHE A 22 3.24 6.54 10.56
CA PHE A 22 2.12 6.10 9.74
C PHE A 22 2.19 4.58 9.55
N LYS A 23 1.21 3.87 10.12
CA LYS A 23 1.08 2.44 9.83
C LYS A 23 0.50 2.29 8.42
N TYR A 24 1.17 1.49 7.60
CA TYR A 24 0.66 1.13 6.27
C TYR A 24 0.34 -0.34 6.23
N ILE A 25 -0.67 -0.66 5.43
CA ILE A 25 -0.97 -2.04 5.04
C ILE A 25 -0.88 -2.15 3.52
N ILE A 26 -0.66 -3.36 3.02
CA ILE A 26 -0.59 -3.60 1.59
C ILE A 26 -1.42 -4.86 1.33
N ILE A 27 -2.53 -4.67 0.61
CA ILE A 27 -3.53 -5.73 0.43
C ILE A 27 -3.78 -5.97 -1.04
N GLY A 28 -4.38 -7.12 -1.35
CA GLY A 28 -4.53 -7.59 -2.71
C GLY A 28 -4.29 -9.08 -2.78
N ASP A 29 -4.59 -9.66 -3.94
CA ASP A 29 -4.49 -11.10 -4.12
C ASP A 29 -3.07 -11.59 -3.93
N THR A 30 -2.93 -12.90 -3.68
CA THR A 30 -1.63 -13.52 -3.55
C THR A 30 -0.82 -13.32 -4.82
N GLY A 31 0.47 -13.05 -4.68
CA GLY A 31 1.35 -13.03 -5.84
C GLY A 31 1.37 -11.75 -6.66
N VAL A 32 0.63 -10.73 -6.22
CA VAL A 32 0.62 -9.46 -6.97
C VAL A 32 1.88 -8.62 -6.76
N GLY A 33 2.67 -8.98 -5.72
CA GLY A 33 3.91 -8.29 -5.40
C GLY A 33 3.90 -7.40 -4.15
N LYS A 34 2.94 -7.65 -3.25
CA LYS A 34 2.80 -6.84 -2.03
C LYS A 34 4.06 -6.84 -1.17
N SER A 35 4.63 -8.04 -0.99
CA SER A 35 5.83 -8.18 -0.16
C SER A 35 7.04 -7.56 -0.84
N CYS A 36 7.17 -7.78 -2.15
CA CYS A 36 8.25 -7.14 -2.88
C CYS A 36 8.15 -5.62 -2.90
N LEU A 37 6.92 -5.09 -2.93
CA LEU A 37 6.75 -3.62 -2.83
C LEU A 37 7.27 -3.12 -1.49
N LEU A 38 6.89 -3.78 -0.41
CA LEU A 38 7.37 -3.43 0.93
C LEU A 38 8.89 -3.39 0.97
N LEU A 39 9.52 -4.48 0.51
CA LEU A 39 10.97 -4.58 0.63
C LEU A 39 11.71 -3.66 -0.32
N GLN A 40 11.16 -3.41 -1.50
CA GLN A 40 11.80 -2.45 -2.41
C GLN A 40 11.81 -1.07 -1.74
N PHE A 41 10.70 -0.71 -1.12
CA PHE A 41 10.66 0.59 -0.47
C PHE A 41 11.56 0.65 0.76
N THR A 42 11.47 -0.35 1.63
CA THR A 42 12.17 -0.23 2.91
C THR A 42 13.67 -0.52 2.78
N ASP A 43 14.02 -1.46 1.89
CA ASP A 43 15.41 -1.93 1.78
C ASP A 43 16.09 -1.53 0.48
N LYS A 44 15.32 -1.07 -0.49
CA LYS A 44 15.85 -0.78 -1.84
C LYS A 44 16.47 -2.04 -2.44
N ARG A 45 15.79 -3.17 -2.22
CA ARG A 45 16.22 -4.44 -2.79
C ARG A 45 15.04 -5.20 -3.34
N PHE A 46 15.32 -6.01 -4.36
CA PHE A 46 14.36 -6.95 -4.92
C PHE A 46 15.01 -8.33 -5.00
N GLN A 47 14.45 -9.31 -4.30
CA GLN A 47 14.98 -10.67 -4.37
C GLN A 47 13.83 -11.66 -4.27
N PRO A 48 13.40 -12.19 -5.43
CA PRO A 48 12.33 -13.19 -5.50
C PRO A 48 12.61 -14.39 -4.59
N ILE A 54 7.92 -12.79 4.87
CA ILE A 54 9.23 -12.12 4.75
C ILE A 54 10.03 -12.17 6.04
N GLY A 55 9.57 -12.97 6.99
CA GLY A 55 10.28 -13.24 8.23
C GLY A 55 10.05 -12.22 9.32
N VAL A 56 9.24 -11.20 9.00
CA VAL A 56 8.96 -10.10 9.92
C VAL A 56 7.51 -9.64 9.76
N GLU A 57 6.94 -9.05 10.80
CA GLU A 57 5.60 -8.50 10.71
C GLU A 57 5.56 -7.24 9.86
N PHE A 58 6.64 -6.46 9.88
CA PHE A 58 6.62 -5.15 9.21
C PHE A 58 8.03 -4.71 8.87
N GLY A 59 8.12 -3.82 7.89
CA GLY A 59 9.36 -3.11 7.56
C GLY A 59 9.17 -1.65 7.93
N ALA A 60 10.24 -1.02 8.36
CA ALA A 60 10.17 0.39 8.71
C ALA A 60 11.12 1.25 7.88
N ARG A 61 10.70 2.47 7.60
CA ARG A 61 11.59 3.43 6.97
C ARG A 61 11.19 4.84 7.31
N MET A 62 12.18 5.68 7.60
CA MET A 62 11.99 7.11 7.80
C MET A 62 11.87 7.84 6.50
N VAL A 63 10.86 8.68 6.44
CA VAL A 63 10.70 9.55 5.29
C VAL A 63 10.63 10.99 5.79
N ASN A 64 10.79 11.91 4.85
CA ASN A 64 10.68 13.31 5.18
C ASN A 64 9.53 13.91 4.40
N ILE A 65 8.56 14.41 5.14
CA ILE A 65 7.38 15.03 4.57
C ILE A 65 7.29 16.42 5.16
N ASP A 66 7.35 17.44 4.30
CA ASP A 66 7.22 18.84 4.72
C ASP A 66 8.25 19.20 5.80
N GLY A 67 9.44 18.62 5.68
CA GLY A 67 10.52 18.85 6.64
C GLY A 67 10.42 18.06 7.94
N LYS A 68 9.39 17.24 8.07
CA LYS A 68 9.15 16.49 9.32
C LYS A 68 9.58 15.05 9.20
N GLN A 69 9.97 14.48 10.35
CA GLN A 69 10.35 13.07 10.49
C GLN A 69 9.10 12.20 10.64
N ILE A 70 8.88 11.36 9.63
CA ILE A 70 7.74 10.47 9.64
C ILE A 70 8.23 9.04 9.44
N LYS A 71 7.93 8.18 10.39
CA LYS A 71 8.27 6.79 10.26
C LYS A 71 7.11 6.07 9.59
N LEU A 72 7.39 5.36 8.50
CA LEU A 72 6.37 4.50 7.90
C LEU A 72 6.66 3.09 8.39
N GLN A 73 5.64 2.45 8.97
CA GLN A 73 5.78 1.05 9.40
C GLN A 73 4.80 0.28 8.54
N ILE A 74 5.35 -0.56 7.66
CA ILE A 74 4.57 -1.17 6.61
C ILE A 74 4.37 -2.64 6.96
N TRP A 75 3.11 -3.02 7.23
CA TRP A 75 2.80 -4.36 7.69
C TRP A 75 2.56 -5.32 6.54
N ASP A 76 3.14 -6.52 6.66
CA ASP A 76 3.02 -7.52 5.61
C ASP A 76 1.95 -8.55 5.99
N THR A 77 1.18 -9.05 5.01
CA THR A 77 0.12 -10.01 5.32
C THR A 77 0.63 -11.40 5.72
N ALA A 78 1.93 -11.65 5.55
CA ALA A 78 2.54 -12.97 5.88
C ALA A 78 1.90 -14.10 5.07
N GLY A 79 1.45 -13.78 3.86
CA GLY A 79 0.85 -14.79 2.95
C GLY A 79 -0.49 -15.33 3.38
N GLN A 80 -1.10 -14.75 4.42
CA GLN A 80 -2.34 -15.30 4.96
C GLN A 80 -3.44 -15.35 3.90
N GLU A 81 -3.44 -14.37 2.99
CA GLU A 81 -4.47 -14.29 1.95
C GLU A 81 -4.45 -15.46 0.96
N SER A 82 -3.36 -16.25 0.98
CA SER A 82 -3.28 -17.44 0.15
C SER A 82 -4.15 -18.60 0.67
N PHE A 83 -4.58 -18.51 1.93
CA PHE A 83 -5.38 -19.64 2.49
C PHE A 83 -6.51 -19.28 3.47
N ARG A 84 -6.57 -18.04 3.91
CA ARG A 84 -7.58 -17.66 4.92
C ARG A 84 -7.88 -16.17 4.84
N SER A 85 -8.78 -15.72 5.70
CA SER A 85 -9.11 -14.31 5.80
C SER A 85 -8.01 -13.53 6.52
N ILE A 86 -7.83 -12.28 6.13
CA ILE A 86 -6.90 -11.40 6.80
C ILE A 86 -7.52 -10.98 8.13
N THR A 87 -6.73 -11.05 9.21
CA THR A 87 -7.24 -10.72 10.54
C THR A 87 -7.57 -9.22 10.64
N ARG A 88 -8.54 -8.91 11.50
CA ARG A 88 -8.95 -7.54 11.72
C ARG A 88 -7.81 -6.70 12.32
N SER A 89 -6.99 -7.32 13.18
CA SER A 89 -5.82 -6.66 13.77
C SER A 89 -4.87 -6.09 12.72
N TYR A 90 -4.77 -6.78 11.58
CA TYR A 90 -3.91 -6.31 10.50
C TYR A 90 -4.35 -4.93 9.98
N TYR A 91 -5.66 -4.77 9.77
CA TYR A 91 -6.23 -3.52 9.27
C TYR A 91 -6.24 -2.37 10.27
N ARG A 92 -6.35 -2.70 11.56
CA ARG A 92 -6.61 -1.70 12.59
C ARG A 92 -5.49 -0.68 12.72
N GLY A 93 -5.87 0.60 12.78
CA GLY A 93 -4.92 1.66 13.05
C GLY A 93 -4.05 2.07 11.87
N ALA A 94 -4.33 1.50 10.69
CA ALA A 94 -3.59 1.89 9.49
C ALA A 94 -3.96 3.29 9.03
N ALA A 95 -2.94 4.09 8.73
CA ALA A 95 -3.16 5.42 8.15
C ALA A 95 -3.16 5.38 6.64
N GLY A 96 -2.42 4.42 6.08
CA GLY A 96 -2.31 4.26 4.64
C GLY A 96 -2.44 2.81 4.20
N ALA A 97 -2.96 2.62 2.99
CA ALA A 97 -3.06 1.29 2.39
C ALA A 97 -2.68 1.38 0.94
N LEU A 98 -1.84 0.45 0.50
CA LEU A 98 -1.68 0.17 -0.93
C LEU A 98 -2.57 -1.00 -1.31
N LEU A 99 -3.48 -0.75 -2.24
CA LEU A 99 -4.41 -1.78 -2.73
C LEU A 99 -3.89 -2.20 -4.08
N VAL A 100 -3.40 -3.43 -4.18
CA VAL A 100 -2.53 -3.85 -5.29
C VAL A 100 -3.13 -4.92 -6.15
N TYR A 101 -3.02 -4.75 -7.47
CA TYR A 101 -3.26 -5.85 -8.39
C TYR A 101 -2.03 -6.01 -9.29
N ASP A 102 -2.04 -7.08 -10.07
CA ASP A 102 -0.93 -7.47 -10.95
C ASP A 102 -1.43 -7.16 -12.36
N ILE A 103 -0.75 -6.27 -13.07
CA ILE A 103 -1.23 -5.86 -14.39
C ILE A 103 -1.26 -7.02 -15.39
N THR A 104 -0.56 -8.11 -15.07
CA THR A 104 -0.52 -9.27 -15.95
C THR A 104 -1.64 -10.30 -15.68
N ARG A 105 -2.41 -10.09 -14.62
CA ARG A 105 -3.46 -11.04 -14.25
C ARG A 105 -4.77 -10.35 -13.94
N ARG A 106 -5.69 -10.36 -14.90
CA ARG A 106 -6.97 -9.67 -14.74
C ARG A 106 -7.78 -10.11 -13.51
N GLU A 107 -7.67 -11.39 -13.14
CA GLU A 107 -8.44 -11.87 -12.00
C GLU A 107 -8.05 -11.13 -10.71
N THR A 108 -6.80 -10.65 -10.64
CA THR A 108 -6.39 -9.90 -9.46
C THR A 108 -7.02 -8.51 -9.44
N PHE A 109 -7.28 -7.97 -10.64
CA PHE A 109 -7.99 -6.72 -10.80
C PHE A 109 -9.49 -6.89 -10.46
N ASN A 110 -10.05 -8.05 -10.82
CA ASN A 110 -11.45 -8.33 -10.51
C ASN A 110 -11.76 -8.37 -9.02
N HIS A 111 -10.74 -8.62 -8.20
CA HIS A 111 -10.97 -8.73 -6.76
C HIS A 111 -10.79 -7.45 -5.97
N LEU A 112 -10.50 -6.35 -6.68
CA LEU A 112 -10.24 -5.08 -6.01
C LEU A 112 -11.42 -4.61 -5.18
N THR A 113 -12.63 -4.79 -5.69
CA THR A 113 -13.78 -4.25 -4.97
C THR A 113 -13.90 -4.93 -3.62
N SER A 114 -13.73 -6.25 -3.61
CA SER A 114 -13.82 -7.01 -2.39
C SER A 114 -12.74 -6.64 -1.38
N TRP A 115 -11.51 -6.45 -1.85
CA TRP A 115 -10.45 -6.00 -0.94
C TRP A 115 -10.75 -4.63 -0.38
N LEU A 116 -11.22 -3.73 -1.25
CA LEU A 116 -11.53 -2.36 -0.84
C LEU A 116 -12.61 -2.34 0.23
N GLU A 117 -13.63 -3.15 0.04
CA GLU A 117 -14.74 -3.24 0.99
C GLU A 117 -14.27 -3.71 2.36
N ASP A 118 -13.38 -4.69 2.39
CA ASP A 118 -12.78 -5.12 3.65
C ASP A 118 -11.93 -4.06 4.34
N ALA A 119 -11.07 -3.40 3.58
CA ALA A 119 -10.30 -2.27 4.10
C ALA A 119 -11.22 -1.21 4.71
N ARG A 120 -12.33 -0.95 4.05
CA ARG A 120 -13.22 0.10 4.55
C ARG A 120 -14.06 -0.38 5.73
N GLN A 121 -14.31 -1.68 5.81
CA GLN A 121 -15.04 -2.26 6.95
C GLN A 121 -14.18 -2.30 8.22
N HIS A 122 -12.88 -2.55 8.06
CA HIS A 122 -12.02 -2.85 9.20
C HIS A 122 -10.97 -1.81 9.52
N SER A 123 -10.76 -0.84 8.63
CA SER A 123 -9.83 0.26 8.91
C SER A 123 -10.59 1.56 9.13
N SER A 124 -9.87 2.57 9.61
CA SER A 124 -10.46 3.87 9.85
C SER A 124 -10.92 4.52 8.56
N SER A 125 -12.04 5.25 8.62
CA SER A 125 -12.58 5.94 7.46
C SER A 125 -11.61 6.96 6.87
N ASN A 126 -10.66 7.41 7.70
CA ASN A 126 -9.66 8.40 7.26
C ASN A 126 -8.45 7.83 6.52
N MET A 127 -8.35 6.49 6.49
CA MET A 127 -7.23 5.83 5.84
C MET A 127 -7.12 6.25 4.38
N VAL A 128 -5.91 6.62 3.97
CA VAL A 128 -5.64 6.96 2.60
C VAL A 128 -5.29 5.69 1.83
N ILE A 129 -6.01 5.43 0.75
CA ILE A 129 -5.81 4.25 -0.07
C ILE A 129 -5.30 4.62 -1.44
N MET A 130 -4.18 4.02 -1.83
CA MET A 130 -3.66 4.19 -3.20
C MET A 130 -3.79 2.86 -3.91
N LEU A 131 -4.42 2.92 -5.09
CA LEU A 131 -4.52 1.77 -5.96
C LEU A 131 -3.22 1.62 -6.74
N ILE A 132 -2.70 0.39 -6.77
CA ILE A 132 -1.42 0.11 -7.42
C ILE A 132 -1.57 -1.01 -8.42
N GLY A 133 -1.19 -0.75 -9.67
CA GLY A 133 -1.04 -1.81 -10.65
C GLY A 133 0.42 -2.17 -10.72
N ASN A 134 0.78 -3.30 -10.12
CA ASN A 134 2.18 -3.70 -10.01
C ASN A 134 2.61 -4.61 -11.16
N LYS A 135 3.93 -4.74 -11.28
CA LYS A 135 4.61 -5.51 -12.35
C LYS A 135 4.60 -4.78 -13.69
N SER A 136 4.71 -3.45 -13.64
CA SER A 136 4.69 -2.65 -14.88
C SER A 136 5.87 -2.96 -15.81
N ASP A 137 6.89 -3.60 -15.28
CA ASP A 137 8.02 -4.03 -16.12
C ASP A 137 7.64 -5.14 -17.11
N LEU A 138 6.52 -5.82 -16.86
CA LEU A 138 6.08 -6.93 -17.68
C LEU A 138 5.06 -6.45 -18.71
N GLU A 139 5.44 -5.39 -19.42
CA GLU A 139 4.53 -4.74 -20.36
C GLU A 139 4.01 -5.70 -21.43
N SER A 140 4.88 -6.58 -21.93
CA SER A 140 4.50 -7.55 -22.97
C SER A 140 3.46 -8.55 -22.49
N ARG A 141 3.30 -8.65 -21.17
CA ARG A 141 2.33 -9.58 -20.57
C ARG A 141 1.11 -8.85 -20.00
N ARG A 142 1.00 -7.56 -20.27
CA ARG A 142 -0.11 -6.76 -19.74
C ARG A 142 -1.48 -7.38 -20.06
N ASP A 143 -2.31 -7.51 -19.04
CA ASP A 143 -3.66 -8.11 -19.10
C ASP A 143 -4.73 -7.11 -18.62
N VAL A 144 -4.29 -6.01 -18.01
CA VAL A 144 -5.19 -4.90 -17.55
C VAL A 144 -4.65 -3.56 -18.06
N LYS A 145 -5.46 -2.82 -18.80
CA LYS A 145 -5.00 -1.54 -19.34
C LYS A 145 -4.87 -0.51 -18.24
N ARG A 146 -3.90 0.40 -18.36
CA ARG A 146 -3.69 1.46 -17.38
C ARG A 146 -4.99 2.22 -17.10
N GLU A 147 -5.70 2.55 -18.18
CA GLU A 147 -7.00 3.25 -18.09
C GLU A 147 -8.03 2.54 -17.18
N GLU A 148 -7.95 1.21 -17.07
CA GLU A 148 -8.89 0.48 -16.25
C GLU A 148 -8.62 0.74 -14.78
N GLY A 149 -7.34 0.76 -14.41
CA GLY A 149 -6.93 1.12 -13.08
C GLY A 149 -7.30 2.56 -12.73
N GLU A 150 -7.03 3.47 -13.67
CA GLU A 150 -7.36 4.88 -13.47
C GLU A 150 -8.86 5.04 -13.20
N ALA A 151 -9.68 4.35 -13.98
CA ALA A 151 -11.13 4.47 -13.83
C ALA A 151 -11.60 3.94 -12.49
N PHE A 152 -11.05 2.80 -12.07
CA PHE A 152 -11.42 2.23 -10.78
C PHE A 152 -11.08 3.21 -9.66
N ALA A 153 -9.90 3.80 -9.73
CA ALA A 153 -9.47 4.73 -8.72
C ALA A 153 -10.42 5.94 -8.62
N ARG A 154 -10.78 6.51 -9.77
CA ARG A 154 -11.70 7.65 -9.78
C ARG A 154 -13.05 7.32 -9.16
N GLU A 155 -13.57 6.15 -9.55
CA GLU A 155 -14.86 5.69 -9.05
C GLU A 155 -14.87 5.55 -7.52
N HIS A 156 -13.73 5.17 -6.96
CA HIS A 156 -13.65 4.89 -5.53
C HIS A 156 -12.88 5.93 -4.72
N GLY A 157 -12.56 7.06 -5.33
CA GLY A 157 -11.85 8.14 -4.66
C GLY A 157 -10.48 7.72 -4.16
N LEU A 158 -9.75 7.02 -5.02
CA LEU A 158 -8.40 6.59 -4.68
C LEU A 158 -7.40 7.27 -5.58
N ILE A 159 -6.17 7.31 -5.10
CA ILE A 159 -5.02 7.68 -5.91
C ILE A 159 -4.57 6.44 -6.68
N PHE A 160 -3.94 6.61 -7.85
CA PHE A 160 -3.50 5.45 -8.66
C PHE A 160 -2.11 5.62 -9.23
N MET A 161 -1.31 4.57 -9.15
CA MET A 161 -0.04 4.48 -9.87
C MET A 161 0.19 3.07 -10.36
N GLU A 162 0.94 2.92 -11.46
CA GLU A 162 1.52 1.63 -11.80
C GLU A 162 2.95 1.62 -11.30
N THR A 163 3.37 0.47 -10.78
CA THR A 163 4.67 0.30 -10.17
C THR A 163 5.37 -0.95 -10.69
N SER A 164 6.69 -0.98 -10.53
CA SER A 164 7.44 -2.22 -10.61
C SER A 164 8.30 -2.40 -9.36
N ALA A 165 7.95 -3.36 -8.53
CA ALA A 165 8.80 -3.69 -7.39
C ALA A 165 10.18 -4.16 -7.85
N LYS A 166 10.24 -4.75 -9.05
CA LYS A 166 11.50 -5.27 -9.58
C LYS A 166 12.46 -4.16 -9.98
N THR A 167 11.99 -3.23 -10.81
CA THR A 167 12.85 -2.14 -11.28
C THR A 167 12.82 -0.92 -10.38
N ALA A 168 11.95 -0.96 -9.38
CA ALA A 168 11.67 0.17 -8.46
C ALA A 168 10.85 1.33 -9.05
N CYS A 169 10.39 1.20 -10.31
CA CYS A 169 9.66 2.28 -10.96
C CYS A 169 8.43 2.64 -10.13
N ASN A 170 8.39 3.90 -9.74
CA ASN A 170 7.28 4.51 -9.00
C ASN A 170 7.05 4.01 -7.58
N VAL A 171 7.94 3.15 -7.08
CA VAL A 171 7.74 2.58 -5.74
C VAL A 171 7.90 3.66 -4.66
N GLU A 172 9.01 4.40 -4.70
CA GLU A 172 9.18 5.51 -3.76
C GLU A 172 7.98 6.46 -3.81
N GLU A 173 7.59 6.83 -5.03
CA GLU A 173 6.50 7.75 -5.22
C GLU A 173 5.19 7.24 -4.63
N ALA A 174 4.94 5.94 -4.75
CA ALA A 174 3.70 5.37 -4.24
C ALA A 174 3.64 5.56 -2.74
N PHE A 175 4.72 5.21 -2.06
CA PHE A 175 4.72 5.30 -0.61
C PHE A 175 4.78 6.75 -0.13
N ILE A 176 5.63 7.56 -0.77
CA ILE A 176 5.77 8.97 -0.38
C ILE A 176 4.51 9.79 -0.68
N ASN A 177 3.89 9.56 -1.84
CA ASN A 177 2.70 10.33 -2.19
C ASN A 177 1.53 9.99 -1.28
N THR A 178 1.43 8.73 -0.86
CA THR A 178 0.43 8.32 0.11
C THR A 178 0.70 9.06 1.43
N ALA A 179 1.97 9.11 1.83
CA ALA A 179 2.32 9.81 3.08
C ALA A 179 2.02 11.31 3.02
N LYS A 180 2.26 11.92 1.85
CA LYS A 180 1.98 13.35 1.68
C LYS A 180 0.49 13.63 1.86
N GLU A 181 -0.34 12.72 1.35
CA GLU A 181 -1.78 12.85 1.48
C GLU A 181 -2.25 12.68 2.92
N ILE A 182 -1.71 11.67 3.63
CA ILE A 182 -2.07 11.46 5.03
C ILE A 182 -1.70 12.72 5.83
N TYR A 183 -0.48 13.22 5.57
CA TYR A 183 0.01 14.40 6.26
C TYR A 183 -0.88 15.60 5.98
N ARG A 184 -1.29 15.77 4.71
CA ARG A 184 -2.22 16.84 4.34
C ARG A 184 -3.52 16.78 5.13
N LYS A 185 -4.09 15.58 5.25
CA LYS A 185 -5.31 15.39 6.01
C LYS A 185 -5.13 15.73 7.49
N ILE A 186 -3.98 15.36 8.05
CA ILE A 186 -3.66 15.69 9.44
C ILE A 186 -3.62 17.21 9.62
N GLN A 187 -2.88 17.89 8.74
CA GLN A 187 -2.74 19.35 8.84
C GLN A 187 -4.08 20.09 8.63
N GLN A 188 -5.02 19.42 7.98
CA GLN A 188 -6.36 19.97 7.76
C GLN A 188 -7.37 19.51 8.81
N GLY A 189 -6.93 18.71 9.78
CA GLY A 189 -7.82 18.15 10.79
C GLY A 189 -8.87 17.19 10.22
N LEU A 190 -8.61 16.70 9.00
CA LEU A 190 -9.51 15.78 8.30
C LEU A 190 -9.12 14.33 8.49
N PHE A 191 -8.17 14.10 9.41
CA PHE A 191 -7.67 12.76 9.66
C PHE A 191 -8.11 12.25 11.03
#